data_1B0F
#
_entry.id   1B0F
#
_cell.length_a   75.800
_cell.length_b   75.800
_cell.length_c   108.500
_cell.angle_alpha   90.00
_cell.angle_beta   90.00
_cell.angle_gamma   90.00
#
_symmetry.space_group_name_H-M   'P 43 2 2'
#
loop_
_entity.id
_entity.type
_entity.pdbx_description
1 polymer 'PROTEIN (ELASTASE)'
2 branched 2-acetamido-2-deoxy-beta-D-glucopyranose-(1-4)-[alpha-L-fucopyranose-(1-6)]2-acetamido-2-deoxy-beta-D-glucopyranose
3 non-polymer '1-{3-METHYL-2-[4-(MORPHOLINE-4-CARBONYL)-BENZOYLAMINO]-BUTYRYL}-PYRROLIDINE-2-CARBOXYLIC ACID (3,3,4,4,4-PENTAFLUORO-1-ISOPROPYL-2-OXO-BUTYL)-AMIDE'
4 water water
#
_entity_poly.entity_id   1
_entity_poly.type   'polypeptide(L)'
_entity_poly.pdbx_seq_one_letter_code
;IVGGRRARPHAWPFMVSLQLAGGHFCGATLIAPNFVMSAAHCVANVNVRAVRVVLGAHNLSRREPTRQVFAVQRIFEDGY
DPVNLLNDIVILQLNGSATINANVQVAQLPAQGRRLGNGVQCLAMGWGLLGRNRGIASVLQELNVTVVTSLCRRSNVCTL
VRGRQAGVCFGDSGSPLVCNGLIHGIASFVRGGCASGLYPDAFAPVAQFVNWIDSIIQ
;
_entity_poly.pdbx_strand_id   A
#
# COMPACT_ATOMS: atom_id res chain seq x y z
N ILE A 1 -5.83 5.60 -7.63
CA ILE A 1 -6.80 4.49 -7.90
C ILE A 1 -7.69 4.90 -9.03
N VAL A 2 -7.74 4.07 -10.07
CA VAL A 2 -8.57 4.35 -11.24
C VAL A 2 -9.87 3.57 -11.15
N GLY A 3 -10.99 4.29 -11.21
CA GLY A 3 -12.28 3.65 -11.17
C GLY A 3 -12.79 3.26 -9.80
N GLY A 4 -12.41 3.99 -8.76
CA GLY A 4 -12.90 3.66 -7.43
C GLY A 4 -13.84 4.70 -6.86
N ARG A 5 -13.78 4.93 -5.55
CA ARG A 5 -14.62 5.93 -4.88
C ARG A 5 -13.92 6.44 -3.62
N ARG A 6 -14.39 7.57 -3.11
CA ARG A 6 -13.82 8.20 -1.92
C ARG A 6 -14.09 7.36 -0.69
N ALA A 7 -13.04 7.04 0.05
CA ALA A 7 -13.22 6.25 1.24
C ALA A 7 -13.79 7.19 2.28
N ARG A 8 -14.65 6.65 3.14
CA ARG A 8 -15.25 7.43 4.20
C ARG A 8 -14.11 7.92 5.07
N PRO A 9 -14.19 9.16 5.54
CA PRO A 9 -13.14 9.74 6.37
C PRO A 9 -12.69 8.86 7.54
N HIS A 10 -11.43 8.43 7.43
CA HIS A 10 -10.81 7.62 8.46
C HIS A 10 -11.43 6.23 8.59
N ALA A 11 -11.80 5.68 7.45
CA ALA A 11 -12.37 4.35 7.38
C ALA A 11 -11.27 3.28 7.55
N TRP A 12 -10.04 3.64 7.15
CA TRP A 12 -8.89 2.74 7.23
C TRP A 12 -7.77 3.51 7.94
N PRO A 13 -7.72 3.44 9.30
CA PRO A 13 -6.72 4.13 10.11
C PRO A 13 -5.29 3.70 9.99
N PHE A 14 -5.04 2.59 9.31
CA PHE A 14 -3.70 2.08 9.12
C PHE A 14 -3.09 2.63 7.83
N MET A 15 -3.91 3.28 7.01
CA MET A 15 -3.44 3.83 5.75
C MET A 15 -2.46 4.96 6.03
N VAL A 16 -1.31 4.93 5.35
CA VAL A 16 -0.24 5.92 5.53
C VAL A 16 0.18 6.55 4.22
N SER A 17 0.49 7.84 4.23
CA SER A 17 0.94 8.54 3.04
C SER A 17 2.42 8.95 3.20
N LEU A 18 3.30 8.38 2.36
CA LEU A 18 4.74 8.69 2.36
C LEU A 18 4.92 9.93 1.50
N GLN A 19 5.64 10.93 2.00
CA GLN A 19 5.79 12.17 1.24
C GLN A 19 7.18 12.74 1.18
N LEU A 20 7.50 13.38 0.08
CA LEU A 20 8.80 14.00 -0.08
C LEU A 20 8.51 15.44 -0.40
N ALA A 21 9.09 16.34 0.38
CA ALA A 21 8.90 17.79 0.20
C ALA A 21 7.41 18.16 -0.04
N GLY A 22 6.56 17.89 0.93
CA GLY A 22 5.15 18.21 0.79
C GLY A 22 4.31 17.35 -0.17
N GLY A 23 4.95 16.60 -1.07
CA GLY A 23 4.19 15.76 -2.00
C GLY A 23 4.17 14.24 -1.82
N HIS A 24 2.98 13.68 -1.68
CA HIS A 24 2.78 12.23 -1.55
C HIS A 24 3.41 11.50 -2.73
N PHE A 25 4.17 10.45 -2.47
CA PHE A 25 4.78 9.68 -3.55
C PHE A 25 4.52 8.18 -3.46
N CYS A 26 4.11 7.70 -2.29
CA CYS A 26 3.81 6.28 -2.08
C CYS A 26 2.89 6.03 -0.88
N GLY A 27 2.21 4.88 -0.90
CA GLY A 27 1.34 4.53 0.20
C GLY A 27 2.05 3.54 1.12
N ALA A 28 1.57 3.41 2.35
CA ALA A 28 2.17 2.51 3.32
C ALA A 28 1.12 2.11 4.34
N THR A 29 1.39 1.06 5.08
CA THR A 29 0.43 0.60 6.07
C THR A 29 1.09 0.63 7.42
N LEU A 30 0.39 1.11 8.44
CA LEU A 30 0.96 1.14 9.79
C LEU A 30 0.81 -0.28 10.35
N ILE A 31 1.91 -0.89 10.79
CA ILE A 31 1.84 -2.24 11.31
C ILE A 31 2.27 -2.38 12.74
N ALA A 32 2.64 -1.28 13.37
CA ALA A 32 3.04 -1.28 14.78
C ALA A 32 3.09 0.19 15.08
N PRO A 33 2.95 0.58 16.36
CA PRO A 33 2.99 2.02 16.62
C PRO A 33 4.22 2.71 16.01
N ASN A 34 5.28 1.95 15.77
CA ASN A 34 6.49 2.54 15.22
C ASN A 34 7.02 1.83 13.99
N PHE A 35 6.15 1.18 13.25
CA PHE A 35 6.60 0.49 12.06
C PHE A 35 5.59 0.60 10.97
N VAL A 36 6.08 0.92 9.78
CA VAL A 36 5.28 1.07 8.59
C VAL A 36 5.82 0.11 7.56
N MET A 37 4.93 -0.41 6.75
CA MET A 37 5.28 -1.37 5.73
C MET A 37 4.93 -0.72 4.41
N SER A 38 5.80 -0.84 3.43
CA SER A 38 5.56 -0.25 2.12
C SER A 38 6.26 -1.07 1.02
N ALA A 39 6.29 -0.55 -0.20
CA ALA A 39 6.94 -1.24 -1.30
C ALA A 39 8.43 -0.83 -1.38
N ALA A 40 9.31 -1.82 -1.47
CA ALA A 40 10.75 -1.56 -1.56
C ALA A 40 11.15 -0.55 -2.62
N HIS A 41 10.42 -0.49 -3.73
CA HIS A 41 10.77 0.44 -4.79
C HIS A 41 10.39 1.87 -4.49
N CYS A 42 9.68 2.09 -3.38
CA CYS A 42 9.30 3.45 -3.02
C CYS A 42 10.47 4.18 -2.44
N VAL A 43 11.20 3.53 -1.55
CA VAL A 43 12.35 4.19 -0.95
C VAL A 43 13.62 3.96 -1.75
N ALA A 44 13.51 3.13 -2.80
CA ALA A 44 14.62 2.80 -3.67
C ALA A 44 15.53 3.99 -4.00
N ASN A 45 15.15 4.84 -4.95
CA ASN A 45 16.03 5.97 -5.25
C ASN A 45 15.30 7.23 -4.80
N VAL A 46 15.42 7.50 -3.50
CA VAL A 46 14.75 8.61 -2.88
C VAL A 46 15.59 8.96 -1.67
N ASN A 47 15.65 10.23 -1.30
CA ASN A 47 16.43 10.59 -0.12
C ASN A 47 15.62 10.25 1.12
N VAL A 48 15.89 9.08 1.69
CA VAL A 48 15.14 8.63 2.86
C VAL A 48 15.19 9.58 4.06
N ARG A 49 16.27 10.34 4.20
CA ARG A 49 16.40 11.27 5.32
C ARG A 49 15.37 12.39 5.22
N ALA A 50 14.78 12.58 4.04
CA ALA A 50 13.79 13.63 3.80
C ALA A 50 12.36 13.14 3.64
N VAL A 51 12.18 11.83 3.66
CA VAL A 51 10.86 11.24 3.50
C VAL A 51 10.14 11.42 4.83
N ARG A 52 8.90 11.88 4.76
CA ARG A 52 8.06 12.06 5.94
C ARG A 52 6.89 11.09 5.84
N VAL A 53 6.63 10.38 6.93
CA VAL A 53 5.56 9.39 7.00
C VAL A 53 4.30 9.99 7.63
N VAL A 54 3.32 10.37 6.81
CA VAL A 54 2.08 10.97 7.35
C VAL A 54 1.00 9.96 7.68
N LEU A 55 0.60 9.94 8.95
CA LEU A 55 -0.43 9.05 9.43
C LEU A 55 -1.66 9.89 9.74
N GLY A 56 -2.83 9.26 9.75
CA GLY A 56 -4.05 9.98 10.08
C GLY A 56 -4.55 10.99 9.06
N ALA A 57 -4.25 10.77 7.80
CA ALA A 57 -4.68 11.67 6.74
C ALA A 57 -5.88 11.11 6.01
N HIS A 58 -6.54 11.98 5.26
CA HIS A 58 -7.67 11.57 4.45
C HIS A 58 -7.72 12.38 3.19
N ASN A 59 -7.68 13.70 3.36
CA ASN A 59 -7.68 14.65 2.25
C ASN A 59 -6.35 15.37 2.29
N LEU A 60 -5.43 14.96 1.44
CA LEU A 60 -4.10 15.53 1.41
C LEU A 60 -3.99 16.99 1.09
N SER A 61 -5.00 17.58 0.47
CA SER A 61 -4.88 19.00 0.15
C SER A 61 -5.14 19.93 1.33
N ARG A 62 -5.87 19.45 2.33
CA ARG A 62 -6.16 20.29 3.47
C ARG A 62 -5.29 20.04 4.70
N ARG A 63 -5.14 21.05 5.55
CA ARG A 63 -4.37 20.90 6.78
C ARG A 63 -5.27 20.11 7.73
N GLU A 64 -4.83 18.94 8.13
CA GLU A 64 -5.63 18.15 9.01
C GLU A 64 -4.87 17.97 10.29
N PRO A 65 -5.55 18.16 11.42
CA PRO A 65 -5.03 18.04 12.79
C PRO A 65 -5.03 16.59 13.28
N THR A 66 -5.64 15.71 12.48
CA THR A 66 -5.74 14.29 12.74
C THR A 66 -4.37 13.63 12.49
N ARG A 67 -3.62 14.28 11.59
CA ARG A 67 -2.31 13.84 11.14
C ARG A 67 -1.23 13.79 12.18
N GLN A 68 -0.44 12.74 12.09
CA GLN A 68 0.71 12.57 12.94
C GLN A 68 1.80 12.35 11.90
N VAL A 69 2.91 13.06 12.01
CA VAL A 69 4.01 12.92 11.06
C VAL A 69 5.30 12.41 11.70
N PHE A 70 5.82 11.32 11.14
CA PHE A 70 7.06 10.73 11.63
C PHE A 70 8.10 10.69 10.52
N ALA A 71 9.35 10.40 10.87
CA ALA A 71 10.43 10.28 9.90
C ALA A 71 10.89 8.84 9.95
N VAL A 72 11.55 8.40 8.88
CA VAL A 72 12.06 7.03 8.80
C VAL A 72 13.32 6.98 9.65
N GLN A 73 13.57 5.84 10.29
CA GLN A 73 14.73 5.70 11.14
C GLN A 73 15.57 4.50 10.79
N ARG A 74 14.93 3.43 10.35
CA ARG A 74 15.65 2.22 9.96
C ARG A 74 14.92 1.58 8.81
N ILE A 75 15.70 1.00 7.90
CA ILE A 75 15.20 0.33 6.72
C ILE A 75 15.53 -1.16 6.80
N PHE A 76 14.55 -2.01 6.53
CA PHE A 76 14.76 -3.46 6.53
C PHE A 76 14.23 -3.98 5.19
N GLU A 77 15.04 -4.73 4.45
CA GLU A 77 14.60 -5.29 3.18
C GLU A 77 15.08 -6.72 3.13
N ASP A 78 14.35 -7.54 2.41
CA ASP A 78 14.62 -8.96 2.34
C ASP A 78 14.63 -9.56 0.94
N GLY A 79 15.75 -9.36 0.23
CA GLY A 79 15.90 -9.89 -1.10
C GLY A 79 15.13 -9.18 -2.18
N TYR A 80 15.04 -7.87 -2.08
CA TYR A 80 14.30 -7.12 -3.07
C TYR A 80 15.06 -7.22 -4.39
N ASP A 81 14.38 -7.71 -5.41
CA ASP A 81 14.96 -7.87 -6.74
C ASP A 81 14.43 -6.70 -7.56
N PRO A 82 15.27 -5.68 -7.80
CA PRO A 82 14.90 -4.47 -8.56
C PRO A 82 14.54 -4.68 -10.03
N VAL A 83 15.19 -5.66 -10.67
CA VAL A 83 14.93 -5.91 -12.08
C VAL A 83 13.68 -6.75 -12.36
N ASN A 84 13.42 -7.76 -11.54
CA ASN A 84 12.25 -8.65 -11.70
C ASN A 84 11.09 -8.30 -10.78
N LEU A 85 11.24 -7.25 -9.98
CA LEU A 85 10.21 -6.81 -9.05
C LEU A 85 9.71 -7.93 -8.10
N LEU A 86 10.66 -8.57 -7.43
CA LEU A 86 10.34 -9.63 -6.48
C LEU A 86 10.70 -9.15 -5.08
N ASN A 87 9.97 -9.63 -4.07
CA ASN A 87 10.20 -9.28 -2.67
C ASN A 87 10.18 -7.77 -2.48
N ASP A 88 9.20 -7.16 -3.14
CA ASP A 88 9.03 -5.72 -3.15
C ASP A 88 8.36 -5.26 -1.86
N ILE A 89 9.08 -5.39 -0.75
CA ILE A 89 8.53 -5.00 0.54
C ILE A 89 9.66 -4.37 1.37
N VAL A 90 9.34 -3.34 2.13
CA VAL A 90 10.35 -2.66 2.95
C VAL A 90 9.70 -2.32 4.28
N ILE A 91 10.40 -2.58 5.37
CA ILE A 91 9.86 -2.22 6.67
C ILE A 91 10.63 -1.00 7.10
N LEU A 92 9.88 0.07 7.40
CA LEU A 92 10.46 1.34 7.81
C LEU A 92 10.15 1.58 9.26
N GLN A 93 11.19 1.67 10.10
CA GLN A 93 10.93 1.95 11.49
C GLN A 93 10.89 3.45 11.66
N LEU A 94 9.87 3.92 12.37
CA LEU A 94 9.71 5.35 12.62
C LEU A 94 10.58 5.84 13.76
N ASN A 95 10.80 7.15 13.77
CA ASN A 95 11.61 7.82 14.77
C ASN A 95 10.86 8.05 16.09
N GLY A 96 9.60 7.66 16.13
CA GLY A 96 8.76 7.79 17.30
C GLY A 96 7.63 6.77 17.19
N SER A 97 6.59 6.91 17.99
CA SER A 97 5.48 5.96 17.92
C SER A 97 4.16 6.70 17.80
N ALA A 98 3.32 6.22 16.91
CA ALA A 98 2.02 6.83 16.68
C ALA A 98 1.22 6.72 17.94
N THR A 99 0.46 7.76 18.24
CA THR A 99 -0.42 7.75 19.39
C THR A 99 -1.64 7.04 18.79
N ILE A 100 -1.89 5.80 19.18
CA ILE A 100 -3.04 5.09 18.61
C ILE A 100 -4.37 5.73 18.97
N ASN A 101 -5.22 5.99 17.99
CA ASN A 101 -6.54 6.58 18.26
C ASN A 101 -7.57 6.15 17.22
N ALA A 102 -8.65 6.91 17.08
CA ALA A 102 -9.69 6.57 16.12
C ALA A 102 -9.22 6.75 14.69
N ASN A 103 -8.28 7.65 14.47
CA ASN A 103 -7.77 7.90 13.13
C ASN A 103 -6.55 7.09 12.80
N VAL A 104 -5.76 6.79 13.83
CA VAL A 104 -4.51 6.07 13.64
C VAL A 104 -4.59 4.72 14.31
N GLN A 105 -4.82 3.69 13.50
CA GLN A 105 -4.91 2.32 14.03
C GLN A 105 -3.93 1.39 13.36
N VAL A 106 -3.62 0.28 14.01
CA VAL A 106 -2.67 -0.68 13.48
C VAL A 106 -3.36 -1.74 12.64
N ALA A 107 -2.76 -2.08 11.50
CA ALA A 107 -3.30 -3.08 10.59
C ALA A 107 -2.95 -4.48 11.03
N GLN A 108 -3.70 -5.47 10.57
CA GLN A 108 -3.41 -6.86 10.92
C GLN A 108 -3.01 -7.63 9.70
N LEU A 109 -2.07 -8.56 9.87
CA LEU A 109 -1.57 -9.32 8.74
C LEU A 109 -2.04 -10.79 8.77
N PRO A 110 -2.01 -11.48 7.62
CA PRO A 110 -2.44 -12.88 7.58
C PRO A 110 -1.33 -13.73 8.19
N ALA A 111 -1.56 -15.03 8.29
CA ALA A 111 -0.56 -15.93 8.85
C ALA A 111 0.46 -16.29 7.81
N GLN A 112 1.69 -16.53 8.24
CA GLN A 112 2.75 -16.88 7.32
C GLN A 112 2.31 -17.95 6.33
N GLY A 113 2.36 -17.63 5.05
CA GLY A 113 1.99 -18.58 4.01
C GLY A 113 0.53 -18.74 3.66
N ARG A 114 -0.31 -17.83 4.13
CA ARG A 114 -1.74 -17.83 3.87
C ARG A 114 -2.02 -17.34 2.45
N ARG A 115 -2.12 -18.28 1.52
CA ARG A 115 -2.37 -18.06 0.07
C ARG A 115 -3.85 -17.69 -0.22
N LEU A 116 -4.08 -16.61 -0.94
CA LEU A 116 -5.45 -16.21 -1.26
C LEU A 116 -5.95 -16.99 -2.47
N GLY A 117 -7.24 -17.30 -2.46
CA GLY A 117 -7.79 -18.05 -3.58
C GLY A 117 -8.33 -17.21 -4.71
N ASN A 118 -8.36 -17.78 -5.90
CA ASN A 118 -8.89 -17.10 -7.07
C ASN A 118 -10.37 -16.70 -6.83
N GLY A 119 -10.69 -15.44 -7.03
CA GLY A 119 -12.06 -15.00 -6.82
C GLY A 119 -12.34 -14.35 -5.49
N VAL A 120 -11.37 -14.36 -4.57
CA VAL A 120 -11.59 -13.72 -3.28
C VAL A 120 -11.84 -12.21 -3.42
N GLN A 121 -12.80 -11.69 -2.65
CA GLN A 121 -13.12 -10.27 -2.71
C GLN A 121 -12.22 -9.48 -1.78
N CYS A 122 -11.53 -8.48 -2.33
CA CYS A 122 -10.62 -7.63 -1.59
C CYS A 122 -10.91 -6.17 -1.90
N LEU A 123 -10.33 -5.27 -1.09
CA LEU A 123 -10.51 -3.83 -1.25
C LEU A 123 -9.13 -3.21 -1.30
N ALA A 124 -8.91 -2.37 -2.32
CA ALA A 124 -7.64 -1.68 -2.55
C ALA A 124 -7.89 -0.21 -2.28
N MET A 125 -6.84 0.53 -1.94
CA MET A 125 -6.97 1.94 -1.64
C MET A 125 -5.65 2.63 -1.89
N GLY A 126 -5.67 3.96 -1.99
CA GLY A 126 -4.46 4.76 -2.23
C GLY A 126 -4.78 6.16 -2.73
N TRP A 127 -3.77 7.02 -2.83
CA TRP A 127 -3.95 8.39 -3.30
C TRP A 127 -3.25 8.54 -4.66
N GLY A 128 -3.16 7.48 -5.43
CA GLY A 128 -2.47 7.58 -6.72
C GLY A 128 -3.32 8.19 -7.80
N LEU A 129 -2.79 8.21 -9.03
CA LEU A 129 -3.49 8.77 -10.18
C LEU A 129 -4.94 8.32 -10.28
N LEU A 130 -5.79 9.31 -10.55
CA LEU A 130 -7.21 9.11 -10.69
C LEU A 130 -7.55 8.55 -12.05
N GLY A 131 -6.63 8.68 -12.97
CA GLY A 131 -6.90 8.15 -14.28
C GLY A 131 -5.59 7.95 -14.99
N ARG A 132 -5.61 7.08 -16.00
CA ARG A 132 -4.45 6.76 -16.81
C ARG A 132 -3.62 8.02 -17.04
N ASN A 133 -4.32 9.15 -17.15
CA ASN A 133 -3.72 10.46 -17.33
C ASN A 133 -4.12 11.42 -16.22
N ARG A 134 -5.38 11.29 -15.77
CA ARG A 134 -5.95 12.16 -14.74
C ARG A 134 -5.25 12.20 -13.39
N GLY A 135 -4.97 13.41 -12.95
CA GLY A 135 -4.27 13.71 -11.71
C GLY A 135 -4.38 12.88 -10.46
N ILE A 136 -3.42 13.11 -9.57
CA ILE A 136 -3.34 12.41 -8.31
C ILE A 136 -4.53 12.74 -7.40
N ALA A 137 -5.03 11.73 -6.73
CA ALA A 137 -6.14 11.89 -5.82
C ALA A 137 -5.71 12.77 -4.66
N SER A 138 -6.69 13.44 -4.04
CA SER A 138 -6.45 14.30 -2.89
C SER A 138 -7.13 13.63 -1.72
N VAL A 139 -8.23 12.95 -2.01
CA VAL A 139 -8.97 12.23 -1.00
C VAL A 139 -8.85 10.74 -1.25
N LEU A 140 -8.47 10.02 -0.21
CA LEU A 140 -8.30 8.57 -0.29
C LEU A 140 -9.45 7.86 -1.03
N GLN A 141 -9.09 7.09 -2.05
CA GLN A 141 -10.05 6.33 -2.84
C GLN A 141 -9.96 4.88 -2.42
N GLU A 142 -10.98 4.10 -2.75
CA GLU A 142 -10.97 2.68 -2.45
C GLU A 142 -11.55 2.00 -3.67
N LEU A 143 -11.36 0.70 -3.78
CA LEU A 143 -11.83 0.00 -4.97
C LEU A 143 -12.01 -1.46 -4.68
N ASN A 144 -13.16 -2.00 -5.05
CA ASN A 144 -13.43 -3.42 -4.87
C ASN A 144 -12.76 -4.18 -6.04
N VAL A 145 -11.86 -5.10 -5.70
CA VAL A 145 -11.11 -5.89 -6.67
C VAL A 145 -11.19 -7.38 -6.33
N THR A 146 -10.93 -8.23 -7.30
CA THR A 146 -11.01 -9.67 -7.07
C THR A 146 -9.68 -10.36 -7.35
N VAL A 147 -9.25 -11.22 -6.44
CA VAL A 147 -8.01 -11.97 -6.59
C VAL A 147 -8.11 -12.90 -7.80
N VAL A 148 -7.03 -12.98 -8.56
CA VAL A 148 -6.99 -13.82 -9.74
C VAL A 148 -5.65 -14.52 -9.70
N THR A 149 -5.55 -15.65 -10.39
CA THR A 149 -4.30 -16.42 -10.44
C THR A 149 -3.78 -16.55 -11.88
N SER A 150 -4.65 -16.25 -12.84
CA SER A 150 -4.24 -16.33 -14.23
C SER A 150 -3.53 -15.03 -14.59
N LEU A 151 -2.47 -15.14 -15.38
CA LEU A 151 -1.66 -13.99 -15.77
C LEU A 151 -1.01 -13.42 -14.50
N CYS A 152 -0.47 -14.29 -13.68
CA CYS A 152 0.13 -13.87 -12.43
C CYS A 152 1.10 -14.85 -11.78
N ARG A 153 2.29 -14.37 -11.44
CA ARG A 153 3.31 -15.19 -10.79
C ARG A 153 2.87 -15.63 -9.38
N ARG A 154 3.35 -16.78 -8.94
CA ARG A 154 2.99 -17.24 -7.61
C ARG A 154 3.69 -16.34 -6.57
N SER A 155 4.67 -15.58 -7.06
CA SER A 155 5.43 -14.70 -6.21
C SER A 155 4.75 -13.35 -6.06
N ASN A 156 3.51 -13.28 -6.52
CA ASN A 156 2.72 -12.08 -6.43
C ASN A 156 1.30 -12.49 -6.12
N VAL A 157 0.50 -11.52 -5.65
CA VAL A 157 -0.92 -11.71 -5.38
C VAL A 157 -1.54 -10.65 -6.30
N CYS A 158 -2.20 -11.12 -7.37
CA CYS A 158 -2.83 -10.24 -8.36
C CYS A 158 -4.33 -10.05 -8.21
N THR A 159 -4.81 -8.87 -8.61
CA THR A 159 -6.24 -8.55 -8.55
C THR A 159 -6.69 -8.09 -9.93
N LEU A 160 -7.99 -8.10 -10.16
CA LEU A 160 -8.61 -7.66 -11.42
C LEU A 160 -10.00 -7.19 -11.10
N VAL A 161 -10.40 -6.02 -11.61
CA VAL A 161 -11.75 -5.50 -11.36
C VAL A 161 -12.53 -5.95 -12.58
N ARG A 162 -12.98 -7.20 -12.54
CA ARG A 162 -13.71 -7.81 -13.64
C ARG A 162 -14.74 -6.98 -14.42
N GLY A 163 -14.51 -6.91 -15.73
CA GLY A 163 -15.39 -6.19 -16.63
C GLY A 163 -15.41 -4.67 -16.56
N ARG A 164 -14.30 -4.05 -16.19
CA ARG A 164 -14.24 -2.59 -16.13
C ARG A 164 -12.81 -2.14 -16.30
N GLN A 165 -12.63 -0.86 -16.58
CA GLN A 165 -11.30 -0.32 -16.73
C GLN A 165 -10.98 0.45 -15.49
N ALA A 166 -10.59 -0.31 -14.46
CA ALA A 166 -10.24 0.28 -13.18
C ALA A 166 -9.13 -0.56 -12.55
N GLY A 167 -8.41 0.07 -11.61
CA GLY A 167 -7.31 -0.58 -10.92
C GLY A 167 -6.38 0.45 -10.34
N VAL A 168 -5.29 0.00 -9.70
CA VAL A 168 -4.33 0.93 -9.12
C VAL A 168 -3.49 1.56 -10.23
N CYS A 169 -3.02 2.76 -9.97
CA CYS A 169 -2.23 3.51 -10.92
C CYS A 169 -1.05 4.11 -10.17
N PHE A 170 -0.23 4.88 -10.86
CA PHE A 170 0.94 5.48 -10.25
C PHE A 170 0.66 6.29 -9.00
N GLY A 171 1.38 5.96 -7.93
CA GLY A 171 1.22 6.67 -6.67
C GLY A 171 0.51 5.81 -5.65
N ASP A 172 0.06 4.63 -6.07
CA ASP A 172 -0.60 3.68 -5.18
C ASP A 172 0.36 2.65 -4.66
N SER A 173 1.57 2.64 -5.19
CA SER A 173 2.60 1.71 -4.80
C SER A 173 2.82 1.84 -3.32
N GLY A 174 2.89 0.71 -2.64
CA GLY A 174 3.09 0.73 -1.20
C GLY A 174 1.75 0.58 -0.53
N SER A 175 0.69 1.05 -1.18
CA SER A 175 -0.64 0.95 -0.61
C SER A 175 -1.04 -0.48 -0.29
N PRO A 176 -1.82 -0.68 0.77
CA PRO A 176 -2.27 -2.01 1.16
C PRO A 176 -3.37 -2.65 0.34
N LEU A 177 -3.52 -3.96 0.50
CA LEU A 177 -4.59 -4.71 -0.14
C LEU A 177 -5.22 -5.44 1.04
N VAL A 178 -6.39 -5.00 1.44
CA VAL A 178 -7.08 -5.61 2.56
C VAL A 178 -8.14 -6.61 2.10
N CYS A 179 -7.89 -7.88 2.36
CA CYS A 179 -8.79 -8.95 2.00
C CYS A 179 -9.20 -9.57 3.32
N ASN A 180 -10.49 -9.65 3.57
CA ASN A 180 -11.02 -10.23 4.80
C ASN A 180 -10.44 -9.52 6.01
N GLY A 181 -10.29 -8.21 5.89
CA GLY A 181 -9.76 -7.43 6.99
C GLY A 181 -8.32 -7.67 7.34
N LEU A 182 -7.55 -8.24 6.41
CA LEU A 182 -6.15 -8.50 6.67
C LEU A 182 -5.34 -7.97 5.50
N ILE A 183 -4.20 -7.37 5.75
CA ILE A 183 -3.36 -6.87 4.67
C ILE A 183 -2.66 -8.01 3.92
N HIS A 184 -3.20 -8.37 2.76
CA HIS A 184 -2.65 -9.46 1.94
C HIS A 184 -1.79 -9.02 0.76
N GLY A 185 -1.69 -7.71 0.51
CA GLY A 185 -0.88 -7.22 -0.58
C GLY A 185 -0.30 -5.82 -0.36
N ILE A 186 0.78 -5.54 -1.06
CA ILE A 186 1.42 -4.23 -1.00
C ILE A 186 1.53 -3.82 -2.47
N ALA A 187 0.71 -2.86 -2.88
CA ALA A 187 0.69 -2.38 -4.26
C ALA A 187 2.10 -2.24 -4.82
N SER A 188 2.34 -2.94 -5.94
CA SER A 188 3.65 -3.01 -6.57
C SER A 188 3.77 -2.52 -8.02
N PHE A 189 3.20 -3.23 -8.99
CA PHE A 189 3.30 -2.84 -10.41
C PHE A 189 2.06 -3.20 -11.26
N VAL A 190 1.84 -2.42 -12.32
CA VAL A 190 0.72 -2.65 -13.23
C VAL A 190 1.23 -3.01 -14.61
N ARG A 191 0.35 -3.58 -15.41
CA ARG A 191 0.69 -4.03 -16.74
C ARG A 191 -0.39 -3.62 -17.75
N GLY A 192 0.06 -3.22 -18.92
CA GLY A 192 -0.81 -2.73 -19.97
C GLY A 192 -1.22 -1.31 -19.61
N GLY A 193 -0.45 -0.69 -18.72
CA GLY A 193 -0.76 0.66 -18.28
C GLY A 193 -1.79 0.54 -17.18
N CYS A 194 -2.01 1.62 -16.44
CA CYS A 194 -3.00 1.55 -15.37
C CYS A 194 -4.35 1.25 -16.02
N ALA A 195 -5.16 0.44 -15.33
CA ALA A 195 -6.52 0.11 -15.75
C ALA A 195 -6.69 -0.43 -17.19
N SER A 196 -5.80 -1.31 -17.62
CA SER A 196 -5.87 -1.86 -18.97
C SER A 196 -7.18 -2.55 -19.27
N GLY A 197 -7.78 -3.12 -18.24
CA GLY A 197 -9.01 -3.86 -18.39
C GLY A 197 -8.65 -5.28 -18.81
N LEU A 198 -7.37 -5.51 -19.12
CA LEU A 198 -6.91 -6.83 -19.53
C LEU A 198 -5.94 -7.48 -18.59
N TYR A 199 -5.04 -6.70 -17.98
CA TYR A 199 -4.04 -7.24 -17.07
C TYR A 199 -4.24 -6.94 -15.59
N PRO A 200 -3.94 -7.92 -14.73
CA PRO A 200 -4.08 -7.80 -13.28
C PRO A 200 -2.98 -6.91 -12.70
N ASP A 201 -3.27 -6.23 -11.61
CA ASP A 201 -2.24 -5.41 -10.98
C ASP A 201 -1.63 -6.40 -10.04
N ALA A 202 -0.35 -6.20 -9.71
CA ALA A 202 0.31 -7.14 -8.84
C ALA A 202 0.67 -6.54 -7.51
N PHE A 203 0.42 -7.29 -6.45
CA PHE A 203 0.74 -6.84 -5.10
C PHE A 203 1.82 -7.78 -4.55
N ALA A 204 2.59 -7.28 -3.58
CA ALA A 204 3.65 -8.09 -2.95
C ALA A 204 2.85 -8.93 -1.98
N PRO A 205 3.11 -10.24 -1.94
CA PRO A 205 2.34 -11.09 -1.02
C PRO A 205 2.80 -11.03 0.46
N VAL A 206 2.17 -10.15 1.24
CA VAL A 206 2.51 -9.97 2.65
C VAL A 206 2.58 -11.31 3.38
N ALA A 207 1.61 -12.18 3.12
CA ALA A 207 1.56 -13.48 3.76
C ALA A 207 2.86 -14.27 3.67
N GLN A 208 3.54 -14.25 2.52
CA GLN A 208 4.79 -14.99 2.37
C GLN A 208 5.94 -14.37 3.18
N PHE A 209 5.72 -13.22 3.80
CA PHE A 209 6.76 -12.54 4.61
C PHE A 209 6.38 -12.29 6.06
N VAL A 210 5.28 -12.87 6.53
CA VAL A 210 4.84 -12.64 7.90
C VAL A 210 5.90 -12.96 8.97
N ASN A 211 6.65 -14.04 8.80
CA ASN A 211 7.70 -14.41 9.77
C ASN A 211 8.76 -13.33 9.87
N TRP A 212 9.28 -12.90 8.73
CA TRP A 212 10.29 -11.85 8.70
C TRP A 212 9.74 -10.58 9.31
N ILE A 213 8.55 -10.17 8.90
CA ILE A 213 7.98 -8.95 9.43
C ILE A 213 7.92 -8.99 10.94
N ASP A 214 7.55 -10.14 11.50
CA ASP A 214 7.45 -10.27 12.94
C ASP A 214 8.80 -10.21 13.67
N SER A 215 9.80 -10.93 13.17
CA SER A 215 11.08 -10.94 13.85
C SER A 215 11.60 -9.54 14.04
N ILE A 216 11.17 -8.64 13.15
CA ILE A 216 11.56 -7.24 13.17
C ILE A 216 10.68 -6.44 14.13
N ILE A 217 9.39 -6.38 13.83
CA ILE A 217 8.45 -5.63 14.67
C ILE A 217 8.26 -6.33 15.99
N GLN A 218 8.98 -7.43 16.18
CA GLN A 218 8.97 -8.26 17.38
C GLN A 218 7.62 -8.90 17.70
#